data_1P1M
#
_entry.id   1P1M
#
_cell.length_a   113.373
_cell.length_b   113.373
_cell.length_c   79.884
_cell.angle_alpha   90.00
_cell.angle_beta   90.00
_cell.angle_gamma   120.00
#
_symmetry.space_group_name_H-M   'P 32 2 1'
#
loop_
_entity.id
_entity.type
_entity.pdbx_description
1 polymer 'Hypothetical protein TM0936'
2 non-polymer 'NICKEL (II) ION'
3 non-polymer METHIONINE
4 water water
#
_entity_poly.entity_id   1
_entity_poly.type   'polypeptide(L)'
_entity_poly.pdbx_seq_one_letter_code
;MIIGNCLILKDFSSEPFWGAVEIENGTIKRVLQGEVKVDLDLSGKLVMPALFNTHTHAPMTLLRGVAEDLSFEEWLFSKV
LPIEDRLTEKMAYYGTILAQMEMARHGIAGFVDMYFHEEWIAKAVRDFGMRALLTRGLVDSNGDDGGRLEENLKLYNEWN
GFEGRIFVGFGPHSPYLCSEEYLKRVFDTAKSLNAPVTIHLYETSKEEYDLEDILNIGLKEVKTIAAHCVHLPERYFGVL
KDIPFFVSHNPASNLKLGNGIAPVQRMIEHGMKVTLGTDGAASNNSLNLFFEMRLASLLQKAQNPRNLDVNTCLKMVTYD
GAQAMGFKSGKIEEGWNADLVVIDLDLPEMFPVQNIKNHLVHAFSGEVFATMVAGKWIYFDGEYPTIDSEEVKRELARIE
KELYSS
;
_entity_poly.pdbx_strand_id   A
#
# COMPACT_ATOMS: atom_id res chain seq x y z
N MET A 1 -11.68 -2.87 -24.33
CA MET A 1 -12.58 -3.80 -23.61
C MET A 1 -13.65 -3.01 -22.86
N ILE A 2 -14.89 -3.48 -22.95
CA ILE A 2 -16.00 -2.80 -22.28
C ILE A 2 -16.65 -3.70 -21.24
N ILE A 3 -16.49 -3.35 -19.98
CA ILE A 3 -17.08 -4.11 -18.88
C ILE A 3 -18.16 -3.25 -18.24
N GLY A 4 -19.32 -3.85 -17.94
CA GLY A 4 -20.38 -3.08 -17.34
C GLY A 4 -21.67 -3.82 -17.10
N ASN A 5 -22.78 -3.13 -17.33
CA ASN A 5 -24.11 -3.69 -17.11
C ASN A 5 -24.20 -4.03 -15.63
N CYS A 6 -23.68 -3.12 -14.80
CA CYS A 6 -23.67 -3.29 -13.36
C CYS A 6 -23.49 -1.93 -12.69
N LEU A 7 -23.42 -1.92 -11.37
CA LEU A 7 -23.23 -0.67 -10.63
C LEU A 7 -21.79 -0.20 -10.76
N ILE A 8 -21.62 1.12 -10.91
CA ILE A 8 -20.30 1.71 -11.05
C ILE A 8 -20.11 2.81 -10.01
N LEU A 9 -18.99 2.76 -9.29
CA LEU A 9 -18.69 3.77 -8.29
C LEU A 9 -17.49 4.56 -8.79
N LYS A 10 -17.74 5.73 -9.38
CA LYS A 10 -16.69 6.58 -9.94
C LYS A 10 -15.57 6.91 -8.96
N ASP A 11 -15.94 7.39 -7.77
CA ASP A 11 -14.96 7.74 -6.77
C ASP A 11 -15.57 7.78 -5.37
N PHE A 12 -14.72 8.09 -4.39
CA PHE A 12 -15.10 8.15 -2.99
C PHE A 12 -16.27 9.07 -2.65
N SER A 13 -16.50 10.09 -3.45
CA SER A 13 -17.57 11.03 -3.17
C SER A 13 -18.80 10.86 -4.05
N SER A 14 -18.77 9.85 -4.92
CA SER A 14 -19.87 9.60 -5.85
C SER A 14 -20.84 8.52 -5.39
N GLU A 15 -21.96 8.43 -6.08
CA GLU A 15 -22.99 7.45 -5.78
C GLU A 15 -22.98 6.38 -6.87
N PRO A 16 -23.19 5.11 -6.49
CA PRO A 16 -23.20 4.02 -7.48
C PRO A 16 -24.28 4.26 -8.53
N PHE A 17 -23.95 3.99 -9.80
CA PHE A 17 -24.92 4.16 -10.88
C PHE A 17 -24.73 3.03 -11.90
N TRP A 18 -25.82 2.62 -12.54
CA TRP A 18 -25.75 1.55 -13.51
C TRP A 18 -25.11 2.03 -14.80
N GLY A 19 -24.03 1.36 -15.22
CA GLY A 19 -23.33 1.75 -16.42
C GLY A 19 -22.24 0.77 -16.82
N ALA A 20 -21.25 1.27 -17.56
CA ALA A 20 -20.16 0.44 -18.01
C ALA A 20 -18.88 1.25 -18.16
N VAL A 21 -17.76 0.55 -18.33
CA VAL A 21 -16.47 1.20 -18.49
C VAL A 21 -15.71 0.65 -19.69
N GLU A 22 -15.26 1.54 -20.57
CA GLU A 22 -14.50 1.12 -21.74
C GLU A 22 -13.03 1.36 -21.47
N ILE A 23 -12.22 0.31 -21.65
CA ILE A 23 -10.79 0.38 -21.41
C ILE A 23 -9.98 0.14 -22.67
N GLU A 24 -8.92 0.93 -22.86
CA GLU A 24 -8.04 0.78 -24.01
C GLU A 24 -6.64 1.29 -23.68
N ASN A 25 -5.64 0.51 -24.06
CA ASN A 25 -4.23 0.86 -23.82
C ASN A 25 -3.94 1.10 -22.35
N GLY A 26 -4.58 0.32 -21.48
CA GLY A 26 -4.35 0.45 -20.05
C GLY A 26 -5.00 1.64 -19.37
N THR A 27 -5.83 2.38 -20.10
CA THR A 27 -6.50 3.55 -19.53
C THR A 27 -8.00 3.52 -19.77
N ILE A 28 -8.72 4.37 -19.06
CA ILE A 28 -10.17 4.45 -19.18
C ILE A 28 -10.51 5.40 -20.34
N LYS A 29 -11.11 4.86 -21.39
CA LYS A 29 -11.47 5.65 -22.55
C LYS A 29 -12.75 6.46 -22.35
N ARG A 30 -13.72 5.86 -21.65
CA ARG A 30 -14.98 6.54 -21.38
C ARG A 30 -15.85 5.77 -20.40
N VAL A 31 -16.69 6.50 -19.66
CA VAL A 31 -17.59 5.89 -18.69
C VAL A 31 -19.02 6.02 -19.20
N LEU A 32 -19.62 4.89 -19.54
CA LEU A 32 -20.98 4.87 -20.06
C LEU A 32 -22.02 4.77 -18.95
N GLN A 33 -23.22 5.28 -19.21
CA GLN A 33 -24.30 5.24 -18.23
C GLN A 33 -25.54 4.55 -18.78
N GLY A 34 -26.09 3.63 -18.00
CA GLY A 34 -27.29 2.92 -18.41
C GLY A 34 -27.03 1.61 -19.11
N GLU A 35 -28.03 1.15 -19.87
CA GLU A 35 -27.93 -0.11 -20.61
C GLU A 35 -27.12 0.08 -21.87
N VAL A 36 -25.95 -0.55 -21.92
CA VAL A 36 -25.07 -0.45 -23.09
C VAL A 36 -24.51 -1.82 -23.43
N LYS A 37 -24.11 -2.00 -24.69
CA LYS A 37 -23.53 -3.25 -25.13
C LYS A 37 -22.16 -3.41 -24.49
N VAL A 38 -21.96 -4.51 -23.77
CA VAL A 38 -20.69 -4.76 -23.11
C VAL A 38 -20.05 -6.07 -23.52
N ASP A 39 -18.73 -6.13 -23.40
CA ASP A 39 -17.96 -7.33 -23.75
C ASP A 39 -18.00 -8.30 -22.57
N LEU A 40 -18.03 -7.73 -21.37
CA LEU A 40 -18.07 -8.52 -20.14
C LEU A 40 -19.22 -8.04 -19.26
N ASP A 41 -20.25 -8.87 -19.13
CA ASP A 41 -21.40 -8.54 -18.30
C ASP A 41 -21.13 -8.87 -16.85
N LEU A 42 -21.04 -7.84 -16.01
CA LEU A 42 -20.79 -8.01 -14.59
C LEU A 42 -22.04 -7.72 -13.78
N SER A 43 -23.21 -7.96 -14.38
CA SER A 43 -24.47 -7.71 -13.70
C SER A 43 -24.51 -8.39 -12.33
N GLY A 44 -24.92 -7.63 -11.31
CA GLY A 44 -25.00 -8.17 -9.97
C GLY A 44 -23.74 -7.87 -9.18
N LYS A 45 -22.84 -7.10 -9.78
CA LYS A 45 -21.59 -6.74 -9.11
C LYS A 45 -21.35 -5.24 -9.15
N LEU A 46 -20.28 -4.80 -8.49
CA LEU A 46 -19.93 -3.38 -8.42
C LEU A 46 -18.50 -3.16 -8.92
N VAL A 47 -18.31 -2.11 -9.72
CA VAL A 47 -16.99 -1.76 -10.22
C VAL A 47 -16.56 -0.48 -9.55
N MET A 48 -15.37 -0.47 -8.94
CA MET A 48 -14.87 0.70 -8.26
C MET A 48 -13.37 0.83 -8.49
N PRO A 49 -12.77 1.96 -8.11
CA PRO A 49 -11.32 2.15 -8.29
C PRO A 49 -10.56 1.15 -7.41
N ALA A 50 -9.38 0.74 -7.87
CA ALA A 50 -8.55 -0.20 -7.12
C ALA A 50 -7.92 0.50 -5.92
N LEU A 51 -7.40 -0.29 -4.99
CA LEU A 51 -6.78 0.23 -3.77
C LEU A 51 -5.25 0.30 -3.82
N PHE A 52 -4.68 1.20 -3.02
CA PHE A 52 -3.24 1.38 -2.98
C PHE A 52 -2.67 1.34 -1.57
N ASN A 53 -1.85 0.31 -1.33
CA ASN A 53 -1.20 0.01 -0.06
C ASN A 53 0.10 0.79 0.07
N THR A 54 0.11 1.83 0.89
CA THR A 54 1.30 2.67 0.99
C THR A 54 2.44 2.26 1.93
N HIS A 55 2.38 1.04 2.46
CA HIS A 55 3.47 0.56 3.31
C HIS A 55 3.50 -0.95 3.52
N THR A 56 4.53 -1.60 3.03
CA THR A 56 4.69 -3.02 3.26
C THR A 56 6.14 -3.44 3.03
N HIS A 57 6.40 -4.71 3.31
CA HIS A 57 7.71 -5.33 3.17
C HIS A 57 7.26 -6.66 2.58
N ALA A 58 7.10 -6.68 1.26
CA ALA A 58 6.54 -7.82 0.54
C ALA A 58 6.98 -9.26 0.88
N PRO A 59 8.28 -9.56 0.82
CA PRO A 59 8.74 -10.92 1.13
C PRO A 59 8.44 -11.42 2.54
N MET A 60 7.98 -10.54 3.42
CA MET A 60 7.69 -10.97 4.78
C MET A 60 6.51 -11.91 4.89
N THR A 61 5.85 -12.16 3.77
CA THR A 61 4.76 -13.12 3.77
C THR A 61 5.36 -14.47 4.18
N LEU A 62 6.66 -14.65 3.92
CA LEU A 62 7.35 -15.89 4.26
C LEU A 62 7.58 -16.02 5.76
N LEU A 63 7.33 -14.92 6.48
CA LEU A 63 7.50 -14.88 7.93
C LEU A 63 6.16 -14.68 8.65
N ARG A 64 5.07 -14.90 7.93
CA ARG A 64 3.74 -14.71 8.53
C ARG A 64 3.56 -15.63 9.74
N GLY A 65 3.31 -15.02 10.89
CA GLY A 65 3.10 -15.78 12.11
C GLY A 65 4.33 -16.32 12.83
N VAL A 66 5.53 -15.87 12.45
CA VAL A 66 6.76 -16.35 13.08
C VAL A 66 7.19 -15.52 14.28
N ALA A 67 6.66 -14.31 14.37
CA ALA A 67 7.03 -13.41 15.46
C ALA A 67 5.81 -12.89 16.17
N GLU A 68 5.29 -13.69 17.10
CA GLU A 68 4.11 -13.34 17.86
C GLU A 68 4.39 -13.07 19.33
N ASP A 69 3.50 -12.30 19.94
CA ASP A 69 3.56 -11.94 21.35
C ASP A 69 4.93 -11.42 21.78
N LEU A 70 5.40 -10.41 21.06
CA LEU A 70 6.70 -9.81 21.35
C LEU A 70 6.62 -8.30 21.21
N SER A 71 7.43 -7.60 22.00
CA SER A 71 7.49 -6.15 21.91
C SER A 71 8.26 -5.86 20.62
N PHE A 72 8.22 -4.61 20.16
CA PHE A 72 8.91 -4.24 18.93
C PHE A 72 10.38 -4.62 18.90
N GLU A 73 11.12 -4.25 19.95
CA GLU A 73 12.54 -4.55 19.99
C GLU A 73 12.81 -6.06 19.90
N GLU A 74 11.98 -6.85 20.56
CA GLU A 74 12.16 -8.30 20.51
C GLU A 74 11.80 -8.81 19.11
N TRP A 75 10.69 -8.30 18.60
CA TRP A 75 10.20 -8.68 17.29
C TRP A 75 11.27 -8.54 16.22
N LEU A 76 11.86 -7.34 16.13
CA LEU A 76 12.88 -7.08 15.13
C LEU A 76 14.25 -7.73 15.36
N PHE A 77 14.89 -7.40 16.47
CA PHE A 77 16.22 -7.90 16.74
C PHE A 77 16.37 -9.35 17.20
N SER A 78 15.32 -9.91 17.79
CA SER A 78 15.40 -11.29 18.23
C SER A 78 14.87 -12.27 17.18
N LYS A 79 13.65 -12.06 16.71
CA LYS A 79 13.02 -12.96 15.76
C LYS A 79 13.22 -12.71 14.28
N VAL A 80 12.91 -11.50 13.83
CA VAL A 80 12.99 -11.16 12.42
C VAL A 80 14.37 -11.13 11.77
N LEU A 81 15.31 -10.39 12.34
CA LEU A 81 16.63 -10.30 11.74
C LEU A 81 17.31 -11.64 11.44
N PRO A 82 17.29 -12.59 12.38
CA PRO A 82 17.95 -13.87 12.06
C PRO A 82 17.34 -14.59 10.86
N ILE A 83 16.02 -14.56 10.75
CA ILE A 83 15.36 -15.19 9.62
C ILE A 83 15.65 -14.44 8.33
N GLU A 84 15.62 -13.12 8.37
CA GLU A 84 15.89 -12.36 7.15
C GLU A 84 17.29 -12.64 6.63
N ASP A 85 18.17 -13.03 7.54
CA ASP A 85 19.56 -13.35 7.18
C ASP A 85 19.60 -14.58 6.27
N ARG A 86 18.52 -15.36 6.27
CA ARG A 86 18.45 -16.57 5.45
C ARG A 86 17.55 -16.40 4.24
N LEU A 87 16.97 -15.21 4.09
CA LEU A 87 16.07 -14.93 2.98
C LEU A 87 16.85 -14.61 1.71
N THR A 88 16.80 -15.53 0.76
CA THR A 88 17.52 -15.41 -0.51
C THR A 88 16.79 -14.61 -1.56
N GLU A 89 17.49 -14.32 -2.65
CA GLU A 89 16.92 -13.57 -3.77
C GLU A 89 15.70 -14.30 -4.32
N LYS A 90 15.83 -15.61 -4.49
CA LYS A 90 14.73 -16.43 -4.99
C LYS A 90 13.54 -16.31 -4.05
N MET A 91 13.81 -16.31 -2.76
CA MET A 91 12.75 -16.21 -1.77
C MET A 91 12.08 -14.84 -1.84
N ALA A 92 12.86 -13.80 -2.09
CA ALA A 92 12.29 -12.46 -2.20
C ALA A 92 11.30 -12.44 -3.36
N TYR A 93 11.67 -13.06 -4.47
CA TYR A 93 10.80 -13.11 -5.63
C TYR A 93 9.48 -13.81 -5.34
N TYR A 94 9.55 -15.06 -4.87
CA TYR A 94 8.32 -15.79 -4.58
C TYR A 94 7.53 -15.21 -3.42
N GLY A 95 8.22 -14.65 -2.43
CA GLY A 95 7.52 -14.04 -1.31
C GLY A 95 6.71 -12.87 -1.81
N THR A 96 7.24 -12.19 -2.83
CA THR A 96 6.54 -11.04 -3.40
C THR A 96 5.40 -11.51 -4.31
N ILE A 97 5.57 -12.65 -4.96
CA ILE A 97 4.49 -13.18 -5.80
C ILE A 97 3.34 -13.51 -4.82
N LEU A 98 3.68 -14.13 -3.70
CA LEU A 98 2.69 -14.49 -2.69
C LEU A 98 2.00 -13.24 -2.14
N ALA A 99 2.79 -12.20 -1.86
CA ALA A 99 2.22 -10.95 -1.34
C ALA A 99 1.22 -10.37 -2.32
N GLN A 100 1.53 -10.44 -3.61
CA GLN A 100 0.64 -9.90 -4.64
C GLN A 100 -0.60 -10.76 -4.78
N MET A 101 -0.46 -12.07 -4.63
CA MET A 101 -1.61 -12.96 -4.72
C MET A 101 -2.59 -12.56 -3.63
N GLU A 102 -2.07 -12.35 -2.42
CA GLU A 102 -2.91 -11.96 -1.31
C GLU A 102 -3.52 -10.58 -1.49
N MET A 103 -2.69 -9.60 -1.82
CA MET A 103 -3.20 -8.23 -2.00
C MET A 103 -4.19 -8.11 -3.15
N ALA A 104 -3.94 -8.82 -4.25
CA ALA A 104 -4.85 -8.75 -5.39
C ALA A 104 -6.24 -9.28 -5.04
N ARG A 105 -6.29 -10.27 -4.14
CA ARG A 105 -7.56 -10.86 -3.72
C ARG A 105 -8.35 -9.84 -2.89
N HIS A 106 -7.68 -8.77 -2.50
CA HIS A 106 -8.31 -7.72 -1.71
C HIS A 106 -8.44 -6.40 -2.47
N GLY A 107 -8.35 -6.48 -3.79
CA GLY A 107 -8.51 -5.29 -4.60
C GLY A 107 -7.36 -4.31 -4.69
N ILE A 108 -6.18 -4.70 -4.23
CA ILE A 108 -5.02 -3.82 -4.28
C ILE A 108 -4.38 -3.84 -5.67
N ALA A 109 -4.09 -2.66 -6.20
CA ALA A 109 -3.47 -2.51 -7.51
C ALA A 109 -1.99 -2.17 -7.40
N GLY A 110 -1.61 -1.52 -6.31
CA GLY A 110 -0.23 -1.14 -6.15
C GLY A 110 0.18 -1.03 -4.69
N PHE A 111 1.47 -1.12 -4.44
CA PHE A 111 1.99 -1.02 -3.08
C PHE A 111 3.36 -0.35 -3.02
N VAL A 112 3.68 0.19 -1.85
CA VAL A 112 4.96 0.84 -1.57
C VAL A 112 5.74 -0.18 -0.72
N ASP A 113 6.95 -0.49 -1.15
CA ASP A 113 7.79 -1.46 -0.46
C ASP A 113 9.07 -0.85 0.10
N MET A 114 9.55 -1.44 1.19
CA MET A 114 10.81 -1.04 1.81
C MET A 114 11.47 -2.35 2.23
N TYR A 115 12.47 -2.82 1.48
CA TYR A 115 13.09 -4.09 1.86
C TYR A 115 14.46 -4.27 1.22
N PHE A 116 14.88 -5.53 1.05
CA PHE A 116 16.14 -5.83 0.42
C PHE A 116 15.89 -6.82 -0.71
N HIS A 117 16.91 -7.05 -1.55
CA HIS A 117 16.75 -7.92 -2.72
C HIS A 117 15.63 -7.30 -3.55
N GLU A 118 15.57 -5.97 -3.54
CA GLU A 118 14.52 -5.24 -4.25
C GLU A 118 14.46 -5.50 -5.75
N GLU A 119 15.57 -5.90 -6.34
CA GLU A 119 15.55 -6.17 -7.77
C GLU A 119 14.71 -7.40 -8.06
N TRP A 120 14.73 -8.38 -7.15
CA TRP A 120 13.94 -9.59 -7.36
C TRP A 120 12.48 -9.33 -7.00
N ILE A 121 12.26 -8.35 -6.12
CA ILE A 121 10.91 -7.97 -5.75
C ILE A 121 10.35 -7.29 -7.00
N ALA A 122 11.17 -6.46 -7.65
CA ALA A 122 10.76 -5.76 -8.86
C ALA A 122 10.41 -6.77 -9.97
N LYS A 123 11.21 -7.82 -10.10
CA LYS A 123 10.94 -8.84 -11.11
C LYS A 123 9.59 -9.49 -10.85
N ALA A 124 9.28 -9.70 -9.58
CA ALA A 124 8.01 -10.31 -9.21
C ALA A 124 6.84 -9.37 -9.54
N VAL A 125 7.03 -8.08 -9.34
CA VAL A 125 6.00 -7.10 -9.65
C VAL A 125 5.83 -7.04 -11.16
N ARG A 126 6.95 -7.09 -11.88
CA ARG A 126 6.90 -7.07 -13.34
C ARG A 126 6.08 -8.25 -13.85
N ASP A 127 6.40 -9.44 -13.36
CA ASP A 127 5.71 -10.65 -13.80
C ASP A 127 4.25 -10.75 -13.40
N PHE A 128 3.94 -10.37 -12.15
CA PHE A 128 2.57 -10.47 -11.66
C PHE A 128 1.61 -9.44 -12.26
N GLY A 129 2.06 -8.18 -12.38
CA GLY A 129 1.21 -7.17 -12.96
C GLY A 129 0.80 -5.97 -12.14
N MET A 130 1.19 -5.92 -10.88
CA MET A 130 0.83 -4.78 -10.04
C MET A 130 1.71 -3.57 -10.32
N ARG A 131 1.35 -2.46 -9.67
CA ARG A 131 2.14 -1.25 -9.76
C ARG A 131 2.86 -1.21 -8.41
N ALA A 132 3.95 -0.47 -8.34
CA ALA A 132 4.67 -0.40 -7.08
C ALA A 132 5.68 0.73 -7.01
N LEU A 133 5.90 1.23 -5.80
CA LEU A 133 6.92 2.22 -5.55
C LEU A 133 7.84 1.39 -4.68
N LEU A 134 8.97 0.98 -5.23
CA LEU A 134 9.92 0.14 -4.52
C LEU A 134 11.07 0.95 -3.95
N THR A 135 11.41 0.67 -2.70
CA THR A 135 12.52 1.35 -2.05
C THR A 135 13.33 0.32 -1.30
N ARG A 136 14.62 0.61 -1.10
CA ARG A 136 15.52 -0.28 -0.39
C ARG A 136 15.60 0.23 1.06
N GLY A 137 15.52 -0.69 2.01
CA GLY A 137 15.61 -0.29 3.41
C GLY A 137 17.02 0.18 3.72
N LEU A 138 17.14 1.38 4.25
CA LEU A 138 18.45 1.95 4.54
C LEU A 138 18.68 2.18 6.04
N VAL A 139 19.86 1.76 6.50
CA VAL A 139 20.28 1.92 7.88
C VAL A 139 21.80 2.13 7.82
N ASP A 140 22.38 2.75 8.83
CA ASP A 140 23.81 2.98 8.84
C ASP A 140 24.40 2.97 10.24
N SER A 141 25.71 3.05 10.28
CA SER A 141 26.46 3.12 11.52
C SER A 141 27.51 4.19 11.23
N ASN A 142 27.28 5.40 11.73
CA ASN A 142 28.21 6.51 11.53
C ASN A 142 28.56 6.75 10.07
N GLY A 143 27.56 6.65 9.19
CA GLY A 143 27.82 6.89 7.78
C GLY A 143 28.06 5.66 6.94
N ASP A 144 28.38 4.54 7.58
CA ASP A 144 28.63 3.28 6.88
C ASP A 144 27.32 2.52 6.78
N ASP A 145 26.79 2.37 5.56
CA ASP A 145 25.53 1.66 5.38
C ASP A 145 25.67 0.29 4.72
N GLY A 146 26.90 -0.21 4.68
CA GLY A 146 27.13 -1.52 4.09
C GLY A 146 26.75 -1.62 2.62
N GLY A 147 26.65 -0.49 1.93
CA GLY A 147 26.30 -0.49 0.53
C GLY A 147 24.82 -0.45 0.23
N ARG A 148 24.00 -0.17 1.22
CA ARG A 148 22.55 -0.14 1.01
C ARG A 148 22.09 0.98 0.08
N LEU A 149 22.63 2.19 0.23
CA LEU A 149 22.22 3.27 -0.65
C LEU A 149 22.67 2.95 -2.07
N GLU A 150 23.86 2.38 -2.22
CA GLU A 150 24.34 2.01 -3.53
C GLU A 150 23.35 1.04 -4.18
N GLU A 151 22.88 0.06 -3.41
CA GLU A 151 21.91 -0.90 -3.94
C GLU A 151 20.61 -0.20 -4.34
N ASN A 152 20.21 0.79 -3.58
CA ASN A 152 18.98 1.52 -3.88
C ASN A 152 19.17 2.28 -5.20
N LEU A 153 20.38 2.77 -5.43
CA LEU A 153 20.67 3.51 -6.66
C LEU A 153 20.69 2.58 -7.87
N LYS A 154 21.17 1.34 -7.68
CA LYS A 154 21.19 0.36 -8.76
C LYS A 154 19.73 0.04 -9.13
N LEU A 155 18.90 -0.11 -8.11
CA LEU A 155 17.49 -0.39 -8.29
C LEU A 155 16.85 0.72 -9.12
N TYR A 156 17.15 1.96 -8.76
CA TYR A 156 16.61 3.13 -9.46
C TYR A 156 17.04 3.10 -10.92
N ASN A 157 18.33 2.92 -11.16
CA ASN A 157 18.85 2.88 -12.52
C ASN A 157 18.13 1.87 -13.42
N GLU A 158 17.92 0.67 -12.89
CA GLU A 158 17.31 -0.40 -13.69
C GLU A 158 15.80 -0.49 -13.73
N TRP A 159 15.13 -0.01 -12.69
CA TRP A 159 13.68 -0.14 -12.64
C TRP A 159 12.79 1.10 -12.58
N ASN A 160 13.33 2.27 -12.27
CA ASN A 160 12.46 3.42 -12.20
C ASN A 160 11.77 3.73 -13.53
N GLY A 161 10.44 3.77 -13.49
CA GLY A 161 9.66 4.06 -14.68
C GLY A 161 9.24 2.86 -15.50
N PHE A 162 9.67 1.67 -15.10
CA PHE A 162 9.34 0.45 -15.83
C PHE A 162 7.86 0.30 -16.17
N GLU A 163 7.55 0.32 -17.47
CA GLU A 163 6.18 0.18 -17.98
C GLU A 163 5.18 1.12 -17.32
N GLY A 164 5.66 2.18 -16.71
CA GLY A 164 4.78 3.12 -16.04
C GLY A 164 4.08 2.46 -14.86
N ARG A 165 4.58 1.31 -14.44
CA ARG A 165 4.01 0.58 -13.31
C ARG A 165 4.92 0.57 -12.09
N ILE A 166 6.21 0.67 -12.30
CA ILE A 166 7.17 0.65 -11.21
C ILE A 166 7.97 1.94 -11.09
N PHE A 167 7.99 2.49 -9.88
CA PHE A 167 8.76 3.70 -9.59
C PHE A 167 9.71 3.31 -8.46
N VAL A 168 10.84 3.99 -8.36
CA VAL A 168 11.80 3.70 -7.30
C VAL A 168 12.04 4.91 -6.41
N GLY A 169 12.08 4.65 -5.10
CA GLY A 169 12.33 5.68 -4.11
C GLY A 169 13.35 5.17 -3.11
N PHE A 170 13.62 5.95 -2.08
CA PHE A 170 14.60 5.58 -1.06
C PHE A 170 13.92 5.27 0.27
N GLY A 171 14.37 4.20 0.92
CA GLY A 171 13.73 3.80 2.16
C GLY A 171 14.47 3.84 3.48
N PRO A 172 14.90 5.03 3.94
CA PRO A 172 15.60 5.08 5.22
C PRO A 172 14.62 4.45 6.23
N HIS A 173 15.10 3.52 7.04
CA HIS A 173 14.22 2.84 7.98
C HIS A 173 13.49 3.74 8.97
N SER A 174 14.22 4.65 9.58
CA SER A 174 13.66 5.54 10.59
C SER A 174 14.73 6.53 11.01
N PRO A 175 14.33 7.56 11.78
CA PRO A 175 15.29 8.57 12.25
C PRO A 175 16.20 8.04 13.36
N TYR A 176 15.92 6.85 13.87
CA TYR A 176 16.76 6.29 14.92
C TYR A 176 17.72 5.21 14.42
N LEU A 177 17.39 4.55 13.31
CA LEU A 177 18.31 3.55 12.76
C LEU A 177 19.19 4.20 11.71
N CYS A 178 18.86 5.44 11.35
CA CYS A 178 19.65 6.22 10.40
C CYS A 178 20.22 7.41 11.15
N SER A 179 21.53 7.62 11.02
CA SER A 179 22.16 8.75 11.69
C SER A 179 21.67 10.03 11.03
N GLU A 180 21.85 11.15 11.72
CA GLU A 180 21.43 12.43 11.20
C GLU A 180 22.13 12.77 9.88
N GLU A 181 23.45 12.58 9.85
CA GLU A 181 24.23 12.86 8.65
C GLU A 181 23.79 11.98 7.49
N TYR A 182 23.56 10.70 7.78
CA TYR A 182 23.15 9.76 6.75
C TYR A 182 21.75 10.05 6.23
N LEU A 183 20.82 10.38 7.11
CA LEU A 183 19.47 10.69 6.68
C LEU A 183 19.48 11.92 5.77
N LYS A 184 20.35 12.87 6.09
CA LYS A 184 20.46 14.08 5.28
C LYS A 184 20.94 13.68 3.89
N ARG A 185 21.93 12.80 3.85
CA ARG A 185 22.48 12.33 2.59
C ARG A 185 21.42 11.61 1.75
N VAL A 186 20.56 10.84 2.42
CA VAL A 186 19.51 10.12 1.73
C VAL A 186 18.52 11.11 1.11
N PHE A 187 18.13 12.11 1.88
CA PHE A 187 17.20 13.12 1.35
C PHE A 187 17.84 13.92 0.23
N ASP A 188 19.13 14.24 0.34
CA ASP A 188 19.79 14.99 -0.71
C ASP A 188 19.76 14.17 -2.01
N THR A 189 19.98 12.87 -1.88
CA THR A 189 19.98 11.98 -3.03
C THR A 189 18.59 11.91 -3.67
N ALA A 190 17.56 11.73 -2.86
CA ALA A 190 16.21 11.65 -3.37
C ALA A 190 15.82 12.97 -4.03
N LYS A 191 16.23 14.08 -3.41
CA LYS A 191 15.92 15.40 -3.95
C LYS A 191 16.59 15.57 -5.32
N SER A 192 17.85 15.19 -5.43
CA SER A 192 18.57 15.32 -6.69
C SER A 192 17.90 14.52 -7.81
N LEU A 193 17.47 13.31 -7.50
CA LEU A 193 16.83 12.44 -8.48
C LEU A 193 15.33 12.65 -8.57
N ASN A 194 14.82 13.62 -7.82
CA ASN A 194 13.38 13.92 -7.82
C ASN A 194 12.62 12.63 -7.56
N ALA A 195 13.12 11.88 -6.59
CA ALA A 195 12.51 10.60 -6.22
C ALA A 195 11.90 10.70 -4.83
N PRO A 196 10.93 9.83 -4.54
CA PRO A 196 10.30 9.87 -3.22
C PRO A 196 11.09 9.15 -2.13
N VAL A 197 10.73 9.42 -0.89
CA VAL A 197 11.35 8.79 0.26
C VAL A 197 10.24 8.18 1.09
N THR A 198 10.49 7.01 1.68
CA THR A 198 9.51 6.46 2.59
C THR A 198 10.31 6.12 3.83
N ILE A 199 9.69 6.29 4.99
CA ILE A 199 10.38 6.05 6.25
C ILE A 199 9.39 5.75 7.36
N HIS A 200 9.82 5.03 8.39
CA HIS A 200 8.96 4.74 9.54
C HIS A 200 9.17 5.97 10.43
N LEU A 201 8.11 6.74 10.68
CA LEU A 201 8.22 7.97 11.46
C LEU A 201 7.38 7.96 12.74
N TYR A 202 8.02 8.22 13.87
CA TYR A 202 7.32 8.24 15.17
C TYR A 202 6.44 7.02 15.39
N GLU A 203 6.93 5.84 15.04
CA GLU A 203 6.15 4.63 15.22
C GLU A 203 6.00 4.25 16.70
N THR A 204 7.07 4.49 17.47
CA THR A 204 7.09 4.14 18.89
C THR A 204 7.13 5.34 19.82
N SER A 205 6.68 5.14 21.05
CA SER A 205 6.64 6.21 22.04
C SER A 205 8.03 6.67 22.49
N LYS A 206 9.05 5.84 22.25
CA LYS A 206 10.42 6.18 22.61
C LYS A 206 10.98 7.28 21.70
N GLU A 207 10.37 7.47 20.54
CA GLU A 207 10.84 8.49 19.61
C GLU A 207 10.31 9.86 19.98
N GLU A 208 11.18 10.65 20.60
CA GLU A 208 10.81 11.99 21.05
C GLU A 208 11.68 13.08 20.44
N TYR A 209 12.29 12.79 19.30
CA TYR A 209 13.13 13.77 18.60
C TYR A 209 12.26 14.85 17.96
N ASP A 210 12.87 16.00 17.67
CA ASP A 210 12.14 17.10 17.04
C ASP A 210 12.12 16.90 15.54
N LEU A 211 11.00 17.22 14.92
CA LEU A 211 10.86 17.05 13.48
C LEU A 211 11.58 18.15 12.71
N GLU A 212 11.97 19.22 13.41
CA GLU A 212 12.68 20.32 12.77
C GLU A 212 13.92 19.84 12.01
N ASP A 213 14.62 18.88 12.57
CA ASP A 213 15.82 18.34 11.92
C ASP A 213 15.52 17.84 10.51
N ILE A 214 14.50 17.00 10.39
CA ILE A 214 14.11 16.44 9.11
C ILE A 214 13.45 17.49 8.22
N LEU A 215 12.76 18.43 8.82
CA LEU A 215 12.10 19.50 8.07
C LEU A 215 13.12 20.43 7.44
N ASN A 216 14.36 20.38 7.92
CA ASN A 216 15.42 21.23 7.37
C ASN A 216 16.39 20.49 6.46
N ILE A 217 16.10 19.22 6.17
CA ILE A 217 16.98 18.43 5.31
C ILE A 217 16.33 18.03 3.99
N GLY A 218 15.09 18.46 3.75
CA GLY A 218 14.44 18.12 2.50
C GLY A 218 13.01 17.63 2.58
N LEU A 219 12.50 17.44 3.80
CA LEU A 219 11.13 16.96 3.95
C LEU A 219 10.12 17.90 3.27
N LYS A 220 10.46 19.18 3.19
CA LYS A 220 9.57 20.14 2.55
C LYS A 220 9.55 20.06 1.04
N GLU A 221 10.66 19.62 0.43
CA GLU A 221 10.73 19.54 -1.02
C GLU A 221 10.92 18.14 -1.60
N VAL A 222 10.65 17.12 -0.78
CA VAL A 222 10.76 15.74 -1.24
C VAL A 222 9.48 15.00 -0.86
N LYS A 223 8.83 14.37 -1.84
CA LYS A 223 7.60 13.62 -1.55
C LYS A 223 7.99 12.50 -0.59
N THR A 224 7.36 12.51 0.57
CA THR A 224 7.68 11.54 1.59
C THR A 224 6.46 10.80 2.11
N ILE A 225 6.57 9.48 2.14
CA ILE A 225 5.49 8.65 2.65
C ILE A 225 6.00 8.23 4.04
N ALA A 226 5.42 8.83 5.06
CA ALA A 226 5.82 8.58 6.44
C ALA A 226 4.91 7.56 7.10
N ALA A 227 5.42 6.35 7.26
CA ALA A 227 4.63 5.31 7.88
C ALA A 227 4.47 5.50 9.38
N HIS A 228 3.27 5.18 9.85
CA HIS A 228 2.89 5.22 11.27
C HIS A 228 2.49 6.57 11.84
N CYS A 229 3.48 7.41 12.16
CA CYS A 229 3.20 8.73 12.73
C CYS A 229 2.32 8.66 13.98
N VAL A 230 2.37 7.53 14.67
CA VAL A 230 1.55 7.34 15.86
C VAL A 230 1.86 8.38 16.93
N HIS A 231 3.14 8.65 17.13
CA HIS A 231 3.56 9.59 18.15
C HIS A 231 4.08 10.91 17.59
N LEU A 232 3.56 11.28 16.43
CA LEU A 232 3.91 12.53 15.78
C LEU A 232 3.26 13.68 16.53
N PRO A 233 4.06 14.61 17.08
CA PRO A 233 3.51 15.75 17.84
C PRO A 233 2.52 16.57 17.02
N GLU A 234 1.36 16.84 17.61
CA GLU A 234 0.31 17.60 16.94
C GLU A 234 0.75 19.00 16.54
N ARG A 235 1.77 19.54 17.19
CA ARG A 235 2.26 20.88 16.87
C ARG A 235 2.81 20.96 15.45
N TYR A 236 3.06 19.81 14.83
CA TYR A 236 3.62 19.79 13.48
C TYR A 236 2.56 19.60 12.39
N PHE A 237 1.34 19.21 12.78
CA PHE A 237 0.30 18.97 11.79
C PHE A 237 0.11 20.11 10.79
N GLY A 238 0.15 21.35 11.29
CA GLY A 238 -0.04 22.50 10.42
C GLY A 238 1.00 22.64 9.31
N VAL A 239 2.28 22.50 9.65
CA VAL A 239 3.34 22.64 8.66
C VAL A 239 3.45 21.46 7.71
N LEU A 240 2.82 20.33 8.07
CA LEU A 240 2.88 19.15 7.22
C LEU A 240 1.74 19.11 6.20
N LYS A 241 0.84 20.08 6.31
CA LYS A 241 -0.30 20.16 5.42
C LYS A 241 0.02 20.61 3.99
N ASP A 242 0.84 21.64 3.85
CA ASP A 242 1.18 22.20 2.54
C ASP A 242 2.49 21.74 1.91
N ILE A 243 2.88 20.50 2.20
CA ILE A 243 4.10 19.91 1.64
C ILE A 243 3.70 18.51 1.18
N PRO A 244 4.50 17.91 0.28
CA PRO A 244 4.24 16.57 -0.26
C PRO A 244 4.50 15.47 0.77
N PHE A 245 3.85 15.60 1.92
CA PHE A 245 3.98 14.67 3.03
C PHE A 245 2.71 13.82 3.11
N PHE A 246 2.88 12.50 2.96
CA PHE A 246 1.76 11.57 3.02
C PHE A 246 1.92 10.62 4.19
N VAL A 247 0.97 10.62 5.11
CA VAL A 247 1.05 9.68 6.23
C VAL A 247 0.61 8.31 5.71
N SER A 248 1.27 7.24 6.15
CA SER A 248 0.82 5.90 5.79
C SER A 248 0.38 5.34 7.13
N HIS A 249 -0.93 5.27 7.31
CA HIS A 249 -1.54 4.79 8.54
C HIS A 249 -1.61 3.26 8.50
N ASN A 250 -0.97 2.62 9.48
CA ASN A 250 -0.89 1.16 9.59
C ASN A 250 -1.53 0.76 10.92
N PRO A 251 -2.86 0.85 11.01
CA PRO A 251 -3.53 0.51 12.26
C PRO A 251 -3.30 -0.86 12.89
N ALA A 252 -3.39 -1.93 12.10
CA ALA A 252 -3.20 -3.27 12.63
C ALA A 252 -1.81 -3.45 13.25
N SER A 253 -0.79 -3.08 12.49
CA SER A 253 0.57 -3.21 12.98
C SER A 253 0.80 -2.39 14.24
N ASN A 254 0.25 -1.17 14.27
CA ASN A 254 0.41 -0.28 15.43
C ASN A 254 -0.18 -0.91 16.69
N LEU A 255 -1.29 -1.63 16.54
CA LEU A 255 -1.92 -2.29 17.68
C LEU A 255 -1.16 -3.56 18.06
N LYS A 256 -0.89 -4.39 17.05
CA LYS A 256 -0.22 -5.67 17.27
C LYS A 256 1.12 -5.57 17.98
N LEU A 257 1.89 -4.52 17.67
CA LEU A 257 3.19 -4.32 18.30
C LEU A 257 3.14 -3.41 19.53
N GLY A 258 1.92 -3.12 20.00
CA GLY A 258 1.76 -2.30 21.18
C GLY A 258 2.21 -0.86 21.09
N ASN A 259 2.06 -0.26 19.91
CA ASN A 259 2.48 1.13 19.74
C ASN A 259 1.37 2.15 19.92
N GLY A 260 0.12 1.69 19.84
CA GLY A 260 -0.99 2.61 20.04
C GLY A 260 -1.82 2.92 18.82
N ILE A 261 -2.49 4.06 18.87
CA ILE A 261 -3.38 4.51 17.79
C ILE A 261 -2.99 5.90 17.32
N ALA A 262 -2.68 6.04 16.04
CA ALA A 262 -2.31 7.34 15.48
C ALA A 262 -3.54 8.25 15.47
N PRO A 263 -3.34 9.55 15.74
CA PRO A 263 -4.45 10.50 15.74
C PRO A 263 -4.83 10.95 14.34
N VAL A 264 -5.25 9.99 13.52
CA VAL A 264 -5.63 10.24 12.13
C VAL A 264 -6.70 11.29 11.92
N GLN A 265 -7.74 11.27 12.74
CA GLN A 265 -8.81 12.24 12.60
C GLN A 265 -8.27 13.66 12.74
N ARG A 266 -7.46 13.90 13.76
CA ARG A 266 -6.91 15.23 13.97
C ARG A 266 -5.97 15.63 12.83
N MET A 267 -5.21 14.67 12.31
CA MET A 267 -4.30 14.96 11.20
C MET A 267 -5.10 15.42 9.99
N ILE A 268 -6.17 14.70 9.69
CA ILE A 268 -7.03 15.03 8.55
C ILE A 268 -7.69 16.40 8.75
N GLU A 269 -8.18 16.66 9.96
CA GLU A 269 -8.84 17.93 10.23
C GLU A 269 -7.86 19.10 10.07
N HIS A 270 -6.57 18.81 10.18
CA HIS A 270 -5.54 19.84 10.02
C HIS A 270 -5.10 19.96 8.56
N GLY A 271 -5.73 19.19 7.68
CA GLY A 271 -5.41 19.27 6.27
C GLY A 271 -4.33 18.31 5.77
N MET A 272 -3.85 17.43 6.63
CA MET A 272 -2.82 16.50 6.21
C MET A 272 -3.34 15.39 5.29
N LYS A 273 -2.45 14.92 4.42
CA LYS A 273 -2.78 13.84 3.49
C LYS A 273 -2.48 12.53 4.21
N VAL A 274 -3.47 11.64 4.27
CA VAL A 274 -3.32 10.36 4.96
C VAL A 274 -3.74 9.21 4.03
N THR A 275 -2.97 8.13 4.09
CA THR A 275 -3.22 6.95 3.28
C THR A 275 -3.15 5.73 4.19
N LEU A 276 -3.43 4.56 3.64
CA LEU A 276 -3.41 3.34 4.42
C LEU A 276 -2.35 2.35 3.98
N GLY A 277 -1.67 1.76 4.95
CA GLY A 277 -0.66 0.77 4.66
C GLY A 277 -0.91 -0.43 5.55
N THR A 278 -0.35 -1.58 5.20
CA THR A 278 -0.55 -2.81 5.97
C THR A 278 0.66 -3.19 6.83
N ASP A 279 1.84 -2.76 6.39
CA ASP A 279 3.12 -3.11 6.98
C ASP A 279 3.34 -4.55 6.48
N GLY A 280 4.30 -5.26 7.07
CA GLY A 280 4.59 -6.62 6.63
C GLY A 280 3.71 -7.68 7.29
N ALA A 281 3.66 -8.86 6.67
CA ALA A 281 2.84 -9.96 7.17
C ALA A 281 3.30 -10.57 8.48
N ALA A 282 4.42 -10.11 9.03
CA ALA A 282 4.89 -10.63 10.31
C ALA A 282 4.40 -9.77 11.47
N SER A 283 3.81 -8.60 11.17
CA SER A 283 3.26 -7.74 12.21
C SER A 283 1.92 -7.14 11.79
N ASN A 284 1.06 -8.03 11.29
CA ASN A 284 -0.30 -7.73 10.82
C ASN A 284 -0.73 -9.12 10.44
N ASN A 285 0.17 -9.75 9.72
CA ASN A 285 -0.04 -11.07 9.24
C ASN A 285 -0.98 -11.02 8.03
N SER A 286 -1.84 -10.01 7.91
CA SER A 286 -2.66 -9.94 6.68
C SER A 286 -2.25 -8.71 5.83
N LEU A 287 -2.45 -8.81 4.51
CA LEU A 287 -2.15 -7.72 3.58
C LEU A 287 -3.48 -7.43 2.88
N ASN A 288 -4.38 -6.86 3.66
CA ASN A 288 -5.74 -6.56 3.21
C ASN A 288 -6.09 -5.12 3.56
N LEU A 289 -6.13 -4.25 2.55
CA LEU A 289 -6.41 -2.84 2.80
C LEU A 289 -7.87 -2.55 3.16
N PHE A 290 -8.77 -3.49 2.89
CA PHE A 290 -10.16 -3.27 3.27
C PHE A 290 -10.19 -3.43 4.79
N PHE A 291 -9.49 -4.44 5.30
CA PHE A 291 -9.43 -4.67 6.73
C PHE A 291 -8.78 -3.47 7.40
N GLU A 292 -7.68 -3.00 6.80
CA GLU A 292 -6.95 -1.87 7.33
C GLU A 292 -7.84 -0.63 7.40
N MET A 293 -8.59 -0.36 6.32
CA MET A 293 -9.47 0.80 6.26
C MET A 293 -10.56 0.73 7.33
N ARG A 294 -11.19 -0.43 7.43
CA ARG A 294 -12.26 -0.63 8.39
C ARG A 294 -11.75 -0.45 9.81
N LEU A 295 -10.62 -1.09 10.11
CA LEU A 295 -10.02 -0.97 11.42
C LEU A 295 -9.70 0.50 11.74
N ALA A 296 -9.16 1.21 10.75
CA ALA A 296 -8.83 2.63 10.93
C ALA A 296 -10.06 3.42 11.33
N SER A 297 -11.15 3.20 10.61
CA SER A 297 -12.41 3.90 10.88
C SER A 297 -12.88 3.61 12.31
N LEU A 298 -12.89 2.33 12.68
CA LEU A 298 -13.31 1.95 14.02
C LEU A 298 -12.46 2.56 15.12
N LEU A 299 -11.14 2.56 14.96
CA LEU A 299 -10.26 3.12 15.98
C LEU A 299 -10.49 4.61 16.20
N GLN A 300 -10.74 5.36 15.12
CA GLN A 300 -10.99 6.78 15.29
C GLN A 300 -12.37 7.02 15.90
N LYS A 301 -13.32 6.14 15.60
CA LYS A 301 -14.66 6.29 16.14
C LYS A 301 -14.73 6.05 17.65
N ALA A 302 -13.72 5.39 18.19
CA ALA A 302 -13.67 5.12 19.63
C ALA A 302 -13.78 6.43 20.40
N GLN A 303 -13.19 7.49 19.84
CA GLN A 303 -13.20 8.81 20.46
C GLN A 303 -14.44 9.60 20.10
N ASN A 304 -14.95 9.37 18.90
CA ASN A 304 -16.13 10.07 18.42
C ASN A 304 -16.69 9.30 17.23
N PRO A 305 -17.92 8.79 17.35
CA PRO A 305 -18.57 8.01 16.28
C PRO A 305 -18.68 8.71 14.93
N ARG A 306 -18.48 10.02 14.93
CA ARG A 306 -18.56 10.79 13.69
C ARG A 306 -17.21 10.82 12.95
N ASN A 307 -16.15 10.37 13.61
CA ASN A 307 -14.83 10.36 13.00
C ASN A 307 -14.74 9.40 11.81
N LEU A 308 -13.85 9.73 10.88
CA LEU A 308 -13.60 8.94 9.67
C LEU A 308 -14.83 8.38 8.98
N ASP A 309 -15.58 9.26 8.31
CA ASP A 309 -16.77 8.83 7.60
C ASP A 309 -16.41 7.95 6.41
N VAL A 310 -17.42 7.30 5.85
CA VAL A 310 -17.24 6.38 4.74
C VAL A 310 -16.53 6.97 3.52
N ASN A 311 -16.92 8.19 3.13
CA ASN A 311 -16.29 8.80 1.96
C ASN A 311 -14.81 9.07 2.17
N THR A 312 -14.44 9.48 3.39
CA THR A 312 -13.05 9.76 3.71
C THR A 312 -12.24 8.47 3.69
N CYS A 313 -12.81 7.41 4.23
CA CYS A 313 -12.13 6.12 4.26
C CYS A 313 -11.88 5.63 2.83
N LEU A 314 -12.90 5.71 1.99
CA LEU A 314 -12.75 5.27 0.60
C LEU A 314 -11.74 6.15 -0.14
N LYS A 315 -11.71 7.43 0.18
CA LYS A 315 -10.76 8.35 -0.45
C LYS A 315 -9.33 7.95 -0.12
N MET A 316 -9.07 7.64 1.14
CA MET A 316 -7.73 7.27 1.55
C MET A 316 -7.20 6.00 0.90
N VAL A 317 -8.05 4.98 0.82
CA VAL A 317 -7.66 3.69 0.27
C VAL A 317 -7.50 3.67 -1.26
N THR A 318 -8.14 4.61 -1.94
CA THR A 318 -8.03 4.66 -3.41
C THR A 318 -7.22 5.85 -3.90
N TYR A 319 -7.89 7.00 -4.06
CA TYR A 319 -7.25 8.21 -4.55
C TYR A 319 -6.01 8.69 -3.80
N ASP A 320 -6.09 8.79 -2.49
CA ASP A 320 -4.94 9.28 -1.72
C ASP A 320 -3.72 8.36 -1.84
N GLY A 321 -3.97 7.05 -1.82
CA GLY A 321 -2.88 6.10 -1.95
C GLY A 321 -2.21 6.20 -3.31
N ALA A 322 -3.02 6.35 -4.36
CA ALA A 322 -2.49 6.47 -5.71
C ALA A 322 -1.69 7.76 -5.81
N GLN A 323 -2.19 8.82 -5.18
CA GLN A 323 -1.51 10.11 -5.20
C GLN A 323 -0.15 9.98 -4.53
N ALA A 324 -0.10 9.32 -3.39
CA ALA A 324 1.17 9.14 -2.69
C ALA A 324 2.17 8.39 -3.57
N MET A 325 1.67 7.41 -4.33
CA MET A 325 2.53 6.61 -5.18
C MET A 325 2.86 7.25 -6.53
N GLY A 326 2.21 8.36 -6.84
CA GLY A 326 2.45 9.07 -8.08
C GLY A 326 1.74 8.51 -9.30
N PHE A 327 0.61 7.87 -9.08
CA PHE A 327 -0.16 7.27 -10.16
C PHE A 327 -1.49 7.97 -10.39
N LYS A 328 -1.88 8.08 -11.66
CA LYS A 328 -3.14 8.71 -12.01
C LYS A 328 -4.26 7.67 -11.90
N SER A 329 -4.50 7.23 -10.66
CA SER A 329 -5.53 6.23 -10.38
C SER A 329 -6.35 6.69 -9.19
N GLY A 330 -7.39 5.92 -8.86
CA GLY A 330 -8.23 6.27 -7.73
C GLY A 330 -9.59 6.80 -8.13
N LYS A 331 -9.79 7.02 -9.43
CA LYS A 331 -11.05 7.51 -9.95
C LYS A 331 -11.35 6.91 -11.31
N ILE A 332 -12.62 6.59 -11.54
CA ILE A 332 -13.03 6.02 -12.82
C ILE A 332 -13.48 7.13 -13.76
N GLU A 333 -12.51 7.78 -14.40
CA GLU A 333 -12.79 8.87 -15.33
C GLU A 333 -11.92 8.75 -16.56
N GLU A 334 -12.31 9.44 -17.62
CA GLU A 334 -11.57 9.41 -18.87
C GLU A 334 -10.13 9.89 -18.69
N GLY A 335 -9.19 9.12 -19.23
CA GLY A 335 -7.79 9.48 -19.13
C GLY A 335 -7.07 8.92 -17.93
N TRP A 336 -7.83 8.34 -17.00
CA TRP A 336 -7.24 7.77 -15.79
C TRP A 336 -6.84 6.32 -16.02
N ASN A 337 -5.93 5.83 -15.19
CA ASN A 337 -5.47 4.45 -15.32
C ASN A 337 -6.59 3.44 -15.14
N ALA A 338 -6.51 2.36 -15.88
CA ALA A 338 -7.50 1.29 -15.80
C ALA A 338 -7.15 0.35 -14.64
N ASP A 339 -7.21 0.88 -13.43
CA ASP A 339 -6.94 0.11 -12.22
C ASP A 339 -8.30 0.02 -11.53
N LEU A 340 -8.95 -1.13 -11.66
CA LEU A 340 -10.29 -1.31 -11.12
C LEU A 340 -10.46 -2.61 -10.34
N VAL A 341 -11.50 -2.66 -9.54
CA VAL A 341 -11.80 -3.86 -8.77
C VAL A 341 -13.28 -4.15 -8.87
N VAL A 342 -13.62 -5.44 -8.89
CA VAL A 342 -15.01 -5.87 -8.98
C VAL A 342 -15.38 -6.55 -7.67
N ILE A 343 -16.50 -6.11 -7.10
CA ILE A 343 -17.00 -6.66 -5.85
C ILE A 343 -18.35 -7.30 -6.08
N ASP A 344 -18.56 -8.48 -5.52
CA ASP A 344 -19.82 -9.20 -5.67
C ASP A 344 -20.84 -8.63 -4.69
N LEU A 345 -21.98 -8.18 -5.20
CA LEU A 345 -23.02 -7.61 -4.36
C LEU A 345 -24.00 -8.69 -3.90
N ASP A 346 -23.84 -9.89 -4.44
CA ASP A 346 -24.71 -10.99 -4.10
C ASP A 346 -24.27 -11.71 -2.82
N LEU A 347 -23.93 -10.94 -1.79
CA LEU A 347 -23.52 -11.51 -0.52
C LEU A 347 -24.34 -10.91 0.61
N PRO A 348 -24.56 -11.67 1.70
CA PRO A 348 -25.33 -11.20 2.85
C PRO A 348 -24.88 -9.86 3.42
N GLU A 349 -23.58 -9.65 3.51
CA GLU A 349 -23.02 -8.42 4.06
C GLU A 349 -23.23 -7.19 3.17
N MET A 350 -23.72 -7.39 1.95
CA MET A 350 -23.92 -6.26 1.04
C MET A 350 -25.39 -5.85 0.92
N PHE A 351 -26.20 -6.27 1.90
CA PHE A 351 -27.62 -5.96 1.96
C PHE A 351 -27.86 -5.14 3.23
N PRO A 352 -28.74 -4.12 3.18
CA PRO A 352 -29.54 -3.63 2.05
C PRO A 352 -28.67 -3.04 0.94
N VAL A 353 -29.11 -3.22 -0.29
CA VAL A 353 -28.37 -2.72 -1.44
C VAL A 353 -28.26 -1.20 -1.46
N GLN A 354 -29.20 -0.51 -0.83
CA GLN A 354 -29.16 0.94 -0.81
C GLN A 354 -28.04 1.53 0.04
N ASN A 355 -27.33 0.67 0.77
CA ASN A 355 -26.22 1.15 1.60
C ASN A 355 -24.87 0.55 1.21
N ILE A 356 -24.72 0.24 -0.08
CA ILE A 356 -23.48 -0.35 -0.59
C ILE A 356 -22.19 0.33 -0.14
N LYS A 357 -22.09 1.64 -0.29
CA LYS A 357 -20.87 2.35 0.12
C LYS A 357 -20.53 2.10 1.58
N ASN A 358 -21.54 2.12 2.44
CA ASN A 358 -21.31 1.89 3.86
C ASN A 358 -20.84 0.47 4.10
N HIS A 359 -21.34 -0.48 3.31
CA HIS A 359 -20.95 -1.87 3.47
C HIS A 359 -19.50 -2.08 3.07
N LEU A 360 -19.05 -1.32 2.06
CA LEU A 360 -17.67 -1.46 1.62
C LEU A 360 -16.70 -1.18 2.75
N VAL A 361 -17.09 -0.28 3.64
CA VAL A 361 -16.23 0.09 4.77
C VAL A 361 -16.50 -0.67 6.07
N HIS A 362 -17.77 -0.88 6.39
CA HIS A 362 -18.12 -1.52 7.66
C HIS A 362 -18.72 -2.91 7.65
N ALA A 363 -18.79 -3.56 6.49
CA ALA A 363 -19.37 -4.90 6.45
C ALA A 363 -18.70 -5.84 5.45
N PHE A 364 -18.24 -5.27 4.33
CA PHE A 364 -17.59 -6.05 3.28
C PHE A 364 -16.48 -6.96 3.83
N SER A 365 -16.54 -8.23 3.45
CA SER A 365 -15.57 -9.22 3.90
C SER A 365 -14.13 -8.84 3.53
N GLY A 366 -13.96 -8.27 2.35
CA GLY A 366 -12.64 -7.89 1.90
C GLY A 366 -12.18 -8.71 0.70
N GLU A 367 -12.90 -9.80 0.43
CA GLU A 367 -12.58 -10.66 -0.70
C GLU A 367 -13.29 -10.17 -1.95
N VAL A 368 -12.53 -9.61 -2.89
CA VAL A 368 -13.10 -9.08 -4.13
C VAL A 368 -13.30 -10.19 -5.15
N PHE A 369 -14.05 -9.87 -6.21
CA PHE A 369 -14.32 -10.83 -7.26
C PHE A 369 -13.19 -10.79 -8.30
N ALA A 370 -12.69 -9.58 -8.59
CA ALA A 370 -11.62 -9.42 -9.56
C ALA A 370 -10.88 -8.09 -9.39
N THR A 371 -9.63 -8.06 -9.83
CA THR A 371 -8.81 -6.87 -9.76
C THR A 371 -8.10 -6.67 -11.09
N MET A 372 -8.14 -5.44 -11.59
CA MET A 372 -7.51 -5.08 -12.85
C MET A 372 -6.53 -3.94 -12.68
N VAL A 373 -5.39 -4.04 -13.36
CA VAL A 373 -4.37 -3.00 -13.31
C VAL A 373 -3.79 -2.82 -14.71
N ALA A 374 -3.71 -1.58 -15.15
CA ALA A 374 -3.18 -1.27 -16.47
C ALA A 374 -4.05 -1.98 -17.52
N GLY A 375 -5.33 -2.15 -17.20
CA GLY A 375 -6.25 -2.79 -18.12
C GLY A 375 -6.11 -4.31 -18.20
N LYS A 376 -5.33 -4.89 -17.30
CA LYS A 376 -5.14 -6.33 -17.30
C LYS A 376 -5.60 -6.98 -16.00
N TRP A 377 -6.28 -8.12 -16.11
CA TRP A 377 -6.77 -8.83 -14.94
C TRP A 377 -5.63 -9.54 -14.22
N ILE A 378 -5.42 -9.20 -12.95
CA ILE A 378 -4.38 -9.84 -12.16
C ILE A 378 -5.02 -10.83 -11.18
N TYR A 379 -6.34 -10.75 -11.07
CA TYR A 379 -7.11 -11.64 -10.21
C TYR A 379 -8.52 -11.66 -10.77
N PHE A 380 -9.08 -12.86 -10.93
CA PHE A 380 -10.43 -12.98 -11.45
C PHE A 380 -11.08 -14.28 -11.00
N ASP A 381 -12.16 -14.14 -10.25
CA ASP A 381 -12.92 -15.27 -9.73
C ASP A 381 -12.04 -16.39 -9.14
N GLY A 382 -11.19 -16.00 -8.19
CA GLY A 382 -10.33 -16.97 -7.53
C GLY A 382 -9.07 -17.40 -8.25
N GLU A 383 -8.83 -16.89 -9.45
CA GLU A 383 -7.65 -17.28 -10.20
C GLU A 383 -6.70 -16.12 -10.54
N TYR A 384 -5.43 -16.47 -10.72
CA TYR A 384 -4.39 -15.50 -11.04
C TYR A 384 -3.91 -15.75 -12.47
N PRO A 385 -4.51 -15.07 -13.45
CA PRO A 385 -4.19 -15.19 -14.88
C PRO A 385 -2.76 -14.87 -15.33
N THR A 386 -2.03 -14.11 -14.53
CA THR A 386 -0.67 -13.72 -14.92
C THR A 386 0.46 -14.62 -14.43
N ILE A 387 0.14 -15.62 -13.62
CA ILE A 387 1.17 -16.52 -13.10
C ILE A 387 0.75 -17.98 -13.15
N ASP A 388 1.73 -18.85 -12.88
CA ASP A 388 1.50 -20.29 -12.83
C ASP A 388 1.27 -20.65 -11.36
N SER A 389 0.02 -20.61 -10.94
CA SER A 389 -0.36 -20.91 -9.56
C SER A 389 0.27 -22.18 -9.00
N GLU A 390 0.12 -23.28 -9.74
CA GLU A 390 0.67 -24.56 -9.30
C GLU A 390 2.18 -24.47 -9.09
N GLU A 391 2.86 -23.87 -10.05
CA GLU A 391 4.32 -23.71 -9.98
C GLU A 391 4.69 -22.89 -8.74
N VAL A 392 4.03 -21.75 -8.58
CA VAL A 392 4.31 -20.88 -7.44
C VAL A 392 4.09 -21.59 -6.11
N LYS A 393 2.98 -22.32 -5.99
CA LYS A 393 2.67 -23.04 -4.77
C LYS A 393 3.72 -24.11 -4.44
N ARG A 394 4.22 -24.79 -5.47
CA ARG A 394 5.23 -25.83 -5.25
C ARG A 394 6.52 -25.18 -4.76
N GLU A 395 6.87 -24.04 -5.36
CA GLU A 395 8.08 -23.32 -4.98
C GLU A 395 7.97 -22.79 -3.56
N LEU A 396 6.78 -22.28 -3.20
CA LEU A 396 6.60 -21.76 -1.85
C LEU A 396 6.73 -22.88 -0.82
N ALA A 397 6.21 -24.05 -1.14
CA ALA A 397 6.30 -25.19 -0.23
C ALA A 397 7.76 -25.57 0.02
N ARG A 398 8.55 -25.54 -1.05
CA ARG A 398 9.96 -25.88 -0.93
C ARG A 398 10.67 -24.82 -0.10
N ILE A 399 10.24 -23.56 -0.25
CA ILE A 399 10.84 -22.46 0.48
C ILE A 399 10.60 -22.57 1.98
N GLU A 400 9.40 -23.00 2.38
CA GLU A 400 9.11 -23.14 3.80
C GLU A 400 10.03 -24.17 4.43
N LYS A 401 10.26 -25.27 3.71
CA LYS A 401 11.13 -26.33 4.21
C LYS A 401 12.58 -25.86 4.25
N GLU A 402 12.96 -25.08 3.24
CA GLU A 402 14.30 -24.55 3.14
C GLU A 402 14.59 -23.46 4.16
N LEU A 403 13.65 -22.53 4.32
CA LEU A 403 13.82 -21.42 5.24
C LEU A 403 13.72 -21.84 6.71
N TYR A 404 12.80 -22.75 7.01
CA TYR A 404 12.60 -23.22 8.37
C TYR A 404 12.88 -24.71 8.52
#